data_1E2X
#
_entry.id   1E2X
#
_cell.length_a   59.711
_cell.length_b   101.973
_cell.length_c   87.513
_cell.angle_alpha   90.00
_cell.angle_beta   90.00
_cell.angle_gamma   90.00
#
_symmetry.space_group_name_H-M   'C 2 2 21'
#
loop_
_entity.id
_entity.type
_entity.pdbx_description
1 polymer 'FATTY ACID METABOLISM REGULATOR PROTEIN'
2 non-polymer 'SULFATE ION'
3 water water
#
_entity_poly.entity_id   1
_entity_poly.type   'polypeptide(L)'
_entity_poly.pdbx_seq_one_letter_code
;FADRMVIKAQSPAGFAEEYIIESIWNNRFPPGTILPAERELSELIGVTRTTLREVLQRLARDGWLTIQHGKPTKVNNFWE
TSGLNILETLARLDHESVPQLIDNLLSVRTNISTIFIRTAFRQHPDKAQEVLATANEVADHADAFAELDYNIFRGLAFAS
GNPIYGLILNGMKGLYTRIGRHYFANPEARSLALGFYHKLSALCSEGAHDQVYETVRRYGHESGEIWHRMQKNLPGDLAI
QGR
;
_entity_poly.pdbx_strand_id   A
#
# COMPACT_ATOMS: atom_id res chain seq x y z
N GLN A 10 -0.51 15.28 -18.78
CA GLN A 10 0.72 14.51 -18.39
C GLN A 10 1.96 15.34 -18.63
N SER A 11 2.62 15.73 -17.56
CA SER A 11 3.83 16.55 -17.62
C SER A 11 4.99 15.85 -18.34
N PRO A 12 6.01 16.62 -18.77
CA PRO A 12 7.17 16.03 -19.46
C PRO A 12 7.88 15.05 -18.52
N ALA A 13 7.91 15.39 -17.22
CA ALA A 13 8.52 14.53 -16.21
C ALA A 13 7.70 13.26 -16.02
N GLY A 14 6.37 13.42 -15.96
CA GLY A 14 5.48 12.29 -15.79
C GLY A 14 5.63 11.34 -16.97
N PHE A 15 5.66 11.90 -18.16
CA PHE A 15 5.81 11.11 -19.36
C PHE A 15 7.13 10.32 -19.33
N ALA A 16 8.21 10.99 -18.94
CA ALA A 16 9.52 10.35 -18.90
C ALA A 16 9.62 9.23 -17.87
N GLU A 17 9.09 9.47 -16.68
CA GLU A 17 9.12 8.47 -15.61
C GLU A 17 8.34 7.25 -16.04
N GLU A 18 7.16 7.47 -16.62
CA GLU A 18 6.33 6.36 -17.06
C GLU A 18 7.01 5.62 -18.21
N TYR A 19 7.68 6.34 -19.09
CA TYR A 19 8.36 5.67 -20.20
C TYR A 19 9.48 4.74 -19.71
N ILE A 20 10.32 5.26 -18.82
CA ILE A 20 11.45 4.48 -18.30
C ILE A 20 10.94 3.27 -17.50
N ILE A 21 9.95 3.46 -16.63
CA ILE A 21 9.45 2.33 -15.87
C ILE A 21 8.89 1.26 -16.82
N GLU A 22 8.08 1.67 -17.80
CA GLU A 22 7.54 0.72 -18.77
C GLU A 22 8.65 0.02 -19.54
N SER A 23 9.70 0.77 -19.88
CA SER A 23 10.86 0.23 -20.60
C SER A 23 11.64 -0.76 -19.76
N ILE A 24 11.62 -0.60 -18.44
CA ILE A 24 12.31 -1.57 -17.59
C ILE A 24 11.45 -2.83 -17.53
N TRP A 25 10.16 -2.63 -17.32
CA TRP A 25 9.21 -3.74 -17.21
C TRP A 25 9.18 -4.62 -18.46
N ASN A 26 9.25 -3.99 -19.63
CA ASN A 26 9.21 -4.71 -20.88
C ASN A 26 10.63 -5.07 -21.38
N ASN A 27 11.61 -4.91 -20.50
CA ASN A 27 13.00 -5.22 -20.80
C ASN A 27 13.72 -4.47 -21.92
N ARG A 28 13.25 -3.28 -22.27
CA ARG A 28 13.97 -2.48 -23.27
C ARG A 28 15.26 -2.08 -22.50
N PHE A 29 15.11 -1.84 -21.19
CA PHE A 29 16.22 -1.51 -20.28
C PHE A 29 16.11 -2.63 -19.22
N PRO A 30 16.72 -3.78 -19.48
CA PRO A 30 16.64 -4.89 -18.54
C PRO A 30 17.24 -4.73 -17.15
N PRO A 31 16.54 -5.22 -16.12
CA PRO A 31 17.05 -5.15 -14.74
C PRO A 31 18.40 -5.92 -14.80
N GLY A 32 19.42 -5.45 -14.11
CA GLY A 32 20.69 -6.16 -14.17
C GLY A 32 21.64 -5.54 -15.18
N THR A 33 21.21 -4.49 -15.87
CA THR A 33 22.08 -3.83 -16.84
C THR A 33 22.21 -2.33 -16.56
N ILE A 34 23.11 -1.71 -17.30
CA ILE A 34 23.35 -0.28 -17.18
C ILE A 34 22.36 0.48 -18.05
N LEU A 35 21.87 1.57 -17.49
CA LEU A 35 20.93 2.40 -18.23
C LEU A 35 21.63 3.20 -19.33
N PRO A 36 20.97 3.41 -20.47
CA PRO A 36 21.58 4.19 -21.55
C PRO A 36 22.05 5.59 -21.05
N ALA A 37 23.03 6.18 -21.73
CA ALA A 37 23.57 7.50 -21.35
C ALA A 37 22.46 8.58 -21.37
N GLU A 38 22.56 9.54 -20.46
CA GLU A 38 21.56 10.58 -20.37
C GLU A 38 21.22 11.31 -21.68
N ARG A 39 22.23 11.67 -22.47
CA ARG A 39 21.97 12.36 -23.75
C ARG A 39 21.13 11.49 -24.65
N GLU A 40 21.45 10.20 -24.65
CA GLU A 40 20.75 9.23 -25.47
C GLU A 40 19.30 9.12 -24.99
N LEU A 41 19.11 8.99 -23.68
CA LEU A 41 17.78 8.87 -23.10
C LEU A 41 16.88 10.10 -23.31
N SER A 42 17.41 11.29 -23.03
CA SER A 42 16.62 12.51 -23.18
C SER A 42 16.18 12.71 -24.62
N GLU A 43 17.02 12.30 -25.55
CA GLU A 43 16.74 12.40 -26.98
C GLU A 43 15.66 11.43 -27.40
N LEU A 44 15.73 10.23 -26.85
CA LEU A 44 14.74 9.19 -27.14
C LEU A 44 13.36 9.50 -26.56
N ILE A 45 13.35 10.00 -25.33
CA ILE A 45 12.11 10.31 -24.64
C ILE A 45 11.56 11.66 -25.07
N GLY A 46 12.47 12.59 -25.37
CA GLY A 46 12.07 13.91 -25.79
C GLY A 46 11.89 14.90 -24.65
N VAL A 47 12.77 14.85 -23.65
CA VAL A 47 12.72 15.79 -22.54
C VAL A 47 14.10 16.41 -22.33
N THR A 48 14.14 17.53 -21.62
CA THR A 48 15.42 18.19 -21.37
C THR A 48 16.26 17.36 -20.41
N ARG A 49 17.56 17.58 -20.42
CA ARG A 49 18.46 16.87 -19.51
C ARG A 49 18.08 17.14 -18.07
N THR A 50 17.61 18.35 -17.75
CA THR A 50 17.27 18.60 -16.35
C THR A 50 15.97 17.87 -15.99
N THR A 51 15.07 17.70 -16.95
CA THR A 51 13.83 16.97 -16.66
C THR A 51 14.23 15.52 -16.39
N LEU A 52 15.09 14.98 -17.26
CA LEU A 52 15.55 13.61 -17.12
C LEU A 52 16.22 13.37 -15.76
N ARG A 53 17.10 14.27 -15.33
CA ARG A 53 17.79 14.13 -14.06
C ARG A 53 16.86 14.10 -12.88
N GLU A 54 15.84 14.95 -12.89
CA GLU A 54 14.90 14.94 -11.78
C GLU A 54 14.16 13.61 -11.77
N VAL A 55 13.83 13.13 -12.96
CA VAL A 55 13.11 11.87 -13.09
C VAL A 55 13.96 10.69 -12.63
N LEU A 56 15.24 10.69 -13.02
CA LEU A 56 16.14 9.61 -12.61
C LEU A 56 16.29 9.62 -11.08
N GLN A 57 16.29 10.81 -10.47
CA GLN A 57 16.39 10.94 -9.03
C GLN A 57 15.16 10.30 -8.38
N ARG A 58 13.98 10.57 -8.94
CA ARG A 58 12.73 9.99 -8.40
C ARG A 58 12.75 8.47 -8.50
N LEU A 59 13.10 7.96 -9.67
CA LEU A 59 13.14 6.52 -9.90
C LEU A 59 14.17 5.85 -9.00
N ALA A 60 15.32 6.49 -8.80
CA ALA A 60 16.36 5.92 -7.94
C ALA A 60 15.87 5.78 -6.54
N ARG A 61 15.19 6.80 -6.05
CA ARG A 61 14.67 6.80 -4.69
C ARG A 61 13.60 5.72 -4.55
N ASP A 62 12.87 5.40 -5.61
CA ASP A 62 11.87 4.35 -5.52
C ASP A 62 12.45 2.96 -5.78
N GLY A 63 13.75 2.87 -6.09
CA GLY A 63 14.34 1.57 -6.27
C GLY A 63 14.56 1.02 -7.68
N TRP A 64 13.95 1.64 -8.67
CA TRP A 64 14.08 1.20 -10.05
C TRP A 64 15.51 1.26 -10.59
N LEU A 65 16.28 2.23 -10.09
CA LEU A 65 17.64 2.46 -10.57
C LEU A 65 18.56 2.73 -9.41
N THR A 66 19.86 2.67 -9.69
CA THR A 66 20.85 3.01 -8.67
C THR A 66 21.78 4.03 -9.30
N ILE A 67 21.88 5.18 -8.67
CA ILE A 67 22.73 6.28 -9.14
C ILE A 67 23.97 6.42 -8.27
N GLN A 68 25.12 6.53 -8.90
CA GLN A 68 26.39 6.68 -8.18
C GLN A 68 27.21 7.83 -8.76
N HIS A 69 27.60 8.75 -7.88
CA HIS A 69 28.39 9.91 -8.27
C HIS A 69 29.13 9.92 -9.60
N GLY A 70 30.04 8.97 -9.81
CA GLY A 70 30.78 8.96 -11.06
C GLY A 70 30.78 7.63 -11.79
N LYS A 71 29.69 6.87 -11.66
CA LYS A 71 29.57 5.58 -12.32
C LYS A 71 28.27 5.56 -13.14
N PRO A 72 28.16 4.63 -14.11
CA PRO A 72 26.94 4.56 -14.92
C PRO A 72 25.74 4.25 -14.03
N THR A 73 24.54 4.56 -14.52
CA THR A 73 23.34 4.27 -13.76
C THR A 73 22.92 2.82 -14.01
N LYS A 74 22.61 2.12 -12.94
CA LYS A 74 22.23 0.71 -13.03
C LYS A 74 20.74 0.54 -13.00
N VAL A 75 20.20 -0.31 -13.88
CA VAL A 75 18.77 -0.61 -13.85
C VAL A 75 18.64 -1.76 -12.86
N ASN A 76 17.85 -1.56 -11.80
CA ASN A 76 17.70 -2.61 -10.80
C ASN A 76 16.55 -3.56 -11.04
N ASN A 77 16.57 -4.70 -10.36
CA ASN A 77 15.36 -5.53 -10.40
C ASN A 77 14.69 -4.95 -9.16
N PHE A 78 13.52 -4.39 -9.37
CA PHE A 78 12.78 -3.75 -8.29
CA PHE A 78 12.72 -3.76 -8.34
C PHE A 78 12.39 -4.68 -7.15
N TRP A 79 12.41 -5.99 -7.38
CA TRP A 79 12.07 -6.92 -6.30
C TRP A 79 13.14 -6.98 -5.24
N GLU A 80 14.32 -6.47 -5.56
CA GLU A 80 15.38 -6.50 -4.58
C GLU A 80 15.58 -5.16 -3.88
N THR A 81 15.33 -4.08 -4.61
CA THR A 81 15.57 -2.73 -4.12
C THR A 81 14.35 -1.82 -3.83
N SER A 82 13.16 -2.20 -4.30
CA SER A 82 11.99 -1.34 -4.08
C SER A 82 11.18 -1.74 -2.87
N GLY A 83 10.45 -0.77 -2.32
CA GLY A 83 9.64 -1.09 -1.16
C GLY A 83 8.17 -1.03 -1.51
N LEU A 84 7.35 -0.96 -0.46
CA LEU A 84 5.91 -0.89 -0.59
C LEU A 84 5.49 0.24 -1.51
N ASN A 85 6.39 1.17 -1.77
CA ASN A 85 6.06 2.31 -2.61
C ASN A 85 5.67 1.99 -4.03
N ILE A 86 6.19 0.89 -4.59
CA ILE A 86 5.87 0.58 -5.97
C ILE A 86 4.55 -0.13 -6.21
N LEU A 87 3.85 -0.52 -5.13
CA LEU A 87 2.60 -1.27 -5.27
C LEU A 87 1.61 -0.77 -6.32
N GLU A 88 1.28 0.50 -6.30
CA GLU A 88 0.35 0.95 -7.31
C GLU A 88 0.94 0.83 -8.72
N THR A 89 2.24 1.14 -8.85
CA THR A 89 2.88 1.08 -10.15
C THR A 89 2.82 -0.39 -10.61
N LEU A 90 3.03 -1.29 -9.67
CA LEU A 90 2.99 -2.71 -9.97
C LEU A 90 1.61 -3.16 -10.49
N ALA A 91 0.57 -2.61 -9.88
CA ALA A 91 -0.79 -2.93 -10.26
C ALA A 91 -1.02 -2.44 -11.70
N ARG A 92 -0.51 -1.25 -11.99
CA ARG A 92 -0.65 -0.64 -13.31
C ARG A 92 0.13 -1.32 -14.43
N LEU A 93 1.27 -1.93 -14.10
CA LEU A 93 2.13 -2.61 -15.10
C LEU A 93 1.67 -4.00 -15.46
N ASP A 94 1.11 -4.72 -14.48
CA ASP A 94 0.67 -6.08 -14.73
C ASP A 94 -0.81 -6.17 -14.40
N HIS A 95 -1.64 -5.66 -15.30
CA HIS A 95 -3.10 -5.66 -15.10
C HIS A 95 -3.67 -7.06 -14.89
N GLU A 96 -3.02 -8.06 -15.49
CA GLU A 96 -3.48 -9.42 -15.38
C GLU A 96 -3.22 -10.08 -14.03
N SER A 97 -2.19 -9.64 -13.32
CA SER A 97 -1.87 -10.22 -12.01
C SER A 97 -2.46 -9.44 -10.83
N VAL A 98 -3.10 -8.31 -11.13
CA VAL A 98 -3.67 -7.45 -10.10
C VAL A 98 -4.51 -8.22 -9.10
N PRO A 99 -5.43 -9.07 -9.56
CA PRO A 99 -6.22 -9.82 -8.60
C PRO A 99 -5.34 -10.50 -7.55
N GLN A 100 -4.31 -11.23 -7.97
CA GLN A 100 -3.40 -11.91 -7.03
C GLN A 100 -2.70 -10.91 -6.08
N LEU A 101 -2.17 -9.83 -6.65
CA LEU A 101 -1.51 -8.78 -5.90
C LEU A 101 -2.41 -8.22 -4.79
N ILE A 102 -3.68 -8.03 -5.12
CA ILE A 102 -4.65 -7.49 -4.19
C ILE A 102 -4.92 -8.49 -3.08
N ASP A 103 -5.02 -9.76 -3.42
CA ASP A 103 -5.25 -10.79 -2.43
C ASP A 103 -4.05 -10.86 -1.49
N ASN A 104 -2.84 -10.72 -2.05
CA ASN A 104 -1.65 -10.75 -1.22
C ASN A 104 -1.64 -9.56 -0.25
N LEU A 105 -2.01 -8.38 -0.72
CA LEU A 105 -2.00 -7.19 0.13
C LEU A 105 -3.00 -7.32 1.28
N LEU A 106 -4.20 -7.78 0.97
CA LEU A 106 -5.21 -7.94 2.02
C LEU A 106 -4.73 -8.99 3.04
N SER A 107 -4.08 -10.04 2.54
CA SER A 107 -3.59 -11.08 3.43
C SER A 107 -2.52 -10.53 4.40
N VAL A 108 -1.63 -9.71 3.88
CA VAL A 108 -0.62 -9.07 4.72
C VAL A 108 -1.34 -8.17 5.78
N ARG A 109 -2.29 -7.37 5.31
CA ARG A 109 -3.04 -6.48 6.20
C ARG A 109 -3.63 -7.33 7.32
N THR A 110 -4.35 -8.37 6.95
CA THR A 110 -4.98 -9.21 7.97
C THR A 110 -3.98 -9.82 8.94
N ASN A 111 -2.99 -10.54 8.44
CA ASN A 111 -2.06 -11.19 9.35
C ASN A 111 -1.16 -10.29 10.17
N ILE A 112 -0.67 -9.22 9.59
CA ILE A 112 0.17 -8.35 10.39
C ILE A 112 -0.70 -7.59 11.41
N SER A 113 -1.94 -7.26 11.05
CA SER A 113 -2.79 -6.55 12.01
C SER A 113 -3.11 -7.41 13.26
N THR A 114 -3.08 -8.74 13.15
CA THR A 114 -3.39 -9.57 14.32
C THR A 114 -2.32 -9.27 15.36
N ILE A 115 -1.13 -8.98 14.88
CA ILE A 115 -0.03 -8.64 15.76
C ILE A 115 -0.17 -7.22 16.36
N PHE A 116 -0.29 -6.19 15.54
CA PHE A 116 -0.31 -4.87 16.14
C PHE A 116 -1.60 -4.47 16.85
N ILE A 117 -2.71 -5.10 16.48
CA ILE A 117 -3.97 -4.77 17.14
C ILE A 117 -3.94 -5.34 18.54
N ARG A 118 -3.40 -6.56 18.70
CA ARG A 118 -3.30 -7.18 20.01
C ARG A 118 -2.36 -6.33 20.87
N THR A 119 -1.21 -5.98 20.32
CA THR A 119 -0.26 -5.15 21.05
C THR A 119 -0.85 -3.79 21.45
N ALA A 120 -1.62 -3.16 20.56
CA ALA A 120 -2.23 -1.87 20.91
C ALA A 120 -3.23 -2.04 22.06
N PHE A 121 -4.02 -3.11 22.05
CA PHE A 121 -4.98 -3.34 23.10
C PHE A 121 -4.30 -3.54 24.46
N ARG A 122 -3.10 -4.14 24.43
CA ARG A 122 -2.31 -4.38 25.65
C ARG A 122 -1.48 -3.16 26.09
N GLN A 123 -0.91 -2.43 25.14
CA GLN A 123 -0.05 -1.31 25.47
C GLN A 123 -0.73 0.05 25.53
N HIS A 124 -1.60 0.36 24.58
CA HIS A 124 -2.26 1.66 24.60
C HIS A 124 -3.74 1.55 24.28
N PRO A 125 -4.49 0.86 25.14
CA PRO A 125 -5.92 0.71 24.89
C PRO A 125 -6.68 2.04 24.77
N ASP A 126 -6.22 3.07 25.47
CA ASP A 126 -6.91 4.36 25.35
C ASP A 126 -6.83 4.85 23.89
N LYS A 127 -5.62 4.79 23.33
CA LYS A 127 -5.42 5.24 21.94
C LYS A 127 -6.21 4.35 20.95
N ALA A 128 -6.21 3.04 21.18
CA ALA A 128 -6.94 2.10 20.31
C ALA A 128 -8.41 2.44 20.32
N GLN A 129 -8.97 2.72 21.50
CA GLN A 129 -10.39 3.08 21.61
C GLN A 129 -10.67 4.37 20.84
N GLU A 130 -9.79 5.35 20.99
CA GLU A 130 -9.94 6.64 20.29
C GLU A 130 -9.98 6.41 18.77
N VAL A 131 -9.03 5.63 18.27
CA VAL A 131 -8.99 5.33 16.85
C VAL A 131 -10.30 4.64 16.40
N LEU A 132 -10.71 3.58 17.12
CA LEU A 132 -11.91 2.85 16.75
C LEU A 132 -13.18 3.68 16.84
N ALA A 133 -13.21 4.62 17.77
CA ALA A 133 -14.41 5.45 17.91
C ALA A 133 -14.70 6.36 16.69
N THR A 134 -13.69 6.60 15.84
CA THR A 134 -13.93 7.43 14.67
C THR A 134 -14.92 6.77 13.72
N ALA A 135 -15.19 5.49 13.94
CA ALA A 135 -16.13 4.79 13.07
C ALA A 135 -17.58 5.26 13.29
N ASN A 136 -17.84 5.87 14.44
CA ASN A 136 -19.19 6.33 14.76
C ASN A 136 -19.68 7.49 13.92
N GLU A 137 -18.75 8.26 13.35
CA GLU A 137 -19.12 9.41 12.55
C GLU A 137 -19.32 9.13 11.06
N VAL A 138 -18.47 8.27 10.51
CA VAL A 138 -18.43 7.95 9.09
C VAL A 138 -19.70 8.09 8.25
N ALA A 139 -19.52 8.72 7.09
CA ALA A 139 -20.59 8.94 6.11
C ALA A 139 -20.76 7.58 5.45
N ASP A 140 -22.00 7.25 5.07
CA ASP A 140 -22.28 5.96 4.45
C ASP A 140 -21.99 5.84 2.95
N HIS A 141 -20.72 5.92 2.57
CA HIS A 141 -20.33 5.78 1.17
C HIS A 141 -18.87 5.39 1.00
N ALA A 142 -18.59 4.80 -0.16
CA ALA A 142 -17.29 4.26 -0.52
C ALA A 142 -16.01 5.01 -0.14
N ASP A 143 -15.86 6.26 -0.60
CA ASP A 143 -14.65 7.03 -0.31
C ASP A 143 -14.47 7.30 1.17
N ALA A 144 -15.56 7.59 1.86
CA ALA A 144 -15.46 7.86 3.29
C ALA A 144 -15.05 6.58 4.07
N PHE A 145 -15.63 5.43 3.72
CA PHE A 145 -15.27 4.18 4.40
C PHE A 145 -13.83 3.76 4.11
N ALA A 146 -13.44 3.89 2.85
CA ALA A 146 -12.09 3.53 2.44
C ALA A 146 -11.08 4.31 3.28
N GLU A 147 -11.35 5.59 3.46
CA GLU A 147 -10.46 6.43 4.25
C GLU A 147 -10.49 5.95 5.69
N LEU A 148 -11.70 5.82 6.21
CA LEU A 148 -11.92 5.35 7.58
C LEU A 148 -11.20 4.06 7.88
N ASP A 149 -11.45 3.07 7.04
CA ASP A 149 -10.86 1.77 7.22
C ASP A 149 -9.34 1.87 7.25
N TYR A 150 -8.76 2.57 6.29
CA TYR A 150 -7.30 2.71 6.28
C TYR A 150 -6.79 3.40 7.54
N ASN A 151 -7.47 4.47 7.98
CA ASN A 151 -7.09 5.21 9.17
C ASN A 151 -7.16 4.39 10.46
N ILE A 152 -8.13 3.48 10.53
CA ILE A 152 -8.25 2.63 11.69
C ILE A 152 -7.09 1.61 11.74
N PHE A 153 -6.81 0.95 10.62
CA PHE A 153 -5.71 0.01 10.64
C PHE A 153 -4.39 0.72 10.93
N ARG A 154 -4.17 1.87 10.30
CA ARG A 154 -2.95 2.65 10.52
C ARG A 154 -2.94 3.16 11.95
N GLY A 155 -4.07 3.73 12.39
CA GLY A 155 -4.16 4.24 13.76
C GLY A 155 -3.84 3.14 14.79
N LEU A 156 -4.36 1.94 14.58
CA LEU A 156 -4.10 0.82 15.49
C LEU A 156 -2.63 0.38 15.40
N ALA A 157 -2.03 0.50 14.22
CA ALA A 157 -0.63 0.11 14.06
C ALA A 157 0.25 1.04 14.93
N PHE A 158 -0.01 2.34 14.86
CA PHE A 158 0.76 3.26 15.67
C PHE A 158 0.40 3.08 17.15
N ALA A 159 -0.87 2.75 17.42
CA ALA A 159 -1.28 2.58 18.81
C ALA A 159 -0.59 1.41 19.48
N SER A 160 0.06 0.55 18.70
CA SER A 160 0.78 -0.57 19.30
C SER A 160 2.01 -0.04 20.06
N GLY A 161 2.43 1.18 19.74
CA GLY A 161 3.62 1.71 20.40
C GLY A 161 4.87 1.39 19.58
N ASN A 162 4.69 0.65 18.49
CA ASN A 162 5.81 0.29 17.60
C ASN A 162 5.45 0.98 16.30
N PRO A 163 6.02 2.18 16.07
CA PRO A 163 5.73 2.95 14.85
C PRO A 163 6.12 2.32 13.53
N ILE A 164 7.01 1.33 13.58
CA ILE A 164 7.43 0.67 12.34
C ILE A 164 6.19 0.00 11.69
N TYR A 165 5.24 -0.52 12.51
CA TYR A 165 4.01 -1.08 11.92
C TYR A 165 3.27 0.03 11.19
N GLY A 166 3.39 1.25 11.69
CA GLY A 166 2.76 2.39 11.06
C GLY A 166 3.39 2.75 9.72
N LEU A 167 4.73 2.68 9.63
CA LEU A 167 5.43 2.96 8.37
C LEU A 167 5.00 1.94 7.31
N ILE A 168 4.71 0.73 7.75
CA ILE A 168 4.31 -0.32 6.83
C ILE A 168 2.94 0.01 6.25
N LEU A 169 2.02 0.43 7.11
CA LEU A 169 0.69 0.83 6.65
C LEU A 169 0.80 2.06 5.72
N ASN A 170 1.71 2.99 6.04
CA ASN A 170 1.86 4.15 5.17
C ASN A 170 2.24 3.67 3.76
N GLY A 171 3.12 2.68 3.66
CA GLY A 171 3.50 2.21 2.32
C GLY A 171 2.36 1.49 1.58
N MET A 172 1.45 0.89 2.34
CA MET A 172 0.32 0.14 1.79
C MET A 172 -0.79 1.08 1.33
N LYS A 173 -0.84 2.27 1.89
CA LYS A 173 -1.92 3.19 1.60
C LYS A 173 -2.43 3.33 0.18
N GLY A 174 -1.53 3.61 -0.76
CA GLY A 174 -1.92 3.81 -2.15
C GLY A 174 -2.82 2.71 -2.71
N LEU A 175 -2.31 1.49 -2.78
CA LEU A 175 -3.08 0.40 -3.31
C LEU A 175 -4.19 0.02 -2.34
N TYR A 176 -3.90 0.07 -1.05
CA TYR A 176 -4.92 -0.33 -0.07
C TYR A 176 -6.21 0.50 -0.19
N THR A 177 -6.08 1.82 -0.25
CA THR A 177 -7.25 2.68 -0.38
C THR A 177 -7.88 2.57 -1.76
N ARG A 178 -7.10 2.25 -2.78
CA ARG A 178 -7.69 2.11 -4.11
C ARG A 178 -8.61 0.89 -4.07
N ILE A 179 -8.16 -0.18 -3.39
CA ILE A 179 -9.01 -1.37 -3.24
C ILE A 179 -10.26 -0.98 -2.41
N GLY A 180 -10.03 -0.25 -1.33
CA GLY A 180 -11.13 0.16 -0.47
C GLY A 180 -12.21 0.97 -1.18
N ARG A 181 -11.77 1.89 -2.04
CA ARG A 181 -12.74 2.72 -2.74
C ARG A 181 -13.66 1.90 -3.60
N HIS A 182 -13.17 0.78 -4.12
CA HIS A 182 -14.00 -0.08 -4.94
C HIS A 182 -14.78 -1.02 -4.02
N TYR A 183 -14.09 -1.56 -3.01
CA TYR A 183 -14.69 -2.49 -2.07
C TYR A 183 -15.86 -1.92 -1.30
N PHE A 184 -15.68 -0.73 -0.74
CA PHE A 184 -16.74 -0.13 0.06
C PHE A 184 -17.87 0.52 -0.69
N ALA A 185 -17.99 0.21 -1.99
CA ALA A 185 -19.10 0.70 -2.80
C ALA A 185 -20.28 -0.25 -2.49
N ASN A 186 -19.93 -1.46 -2.00
CA ASN A 186 -20.90 -2.49 -1.61
C ASN A 186 -21.37 -2.19 -0.19
N PRO A 187 -22.70 -2.04 0.02
CA PRO A 187 -23.26 -1.74 1.34
C PRO A 187 -22.90 -2.78 2.40
N GLU A 188 -22.84 -4.04 1.98
CA GLU A 188 -22.54 -5.10 2.91
C GLU A 188 -21.09 -4.97 3.43
N ALA A 189 -20.19 -4.49 2.58
CA ALA A 189 -18.79 -4.30 2.96
C ALA A 189 -18.73 -3.24 4.07
N ARG A 190 -19.50 -2.16 3.90
CA ARG A 190 -19.49 -1.12 4.91
C ARG A 190 -20.03 -1.67 6.24
N SER A 191 -21.14 -2.39 6.17
CA SER A 191 -21.76 -2.99 7.36
C SER A 191 -20.86 -4.00 8.11
N LEU A 192 -20.24 -4.93 7.37
CA LEU A 192 -19.36 -5.91 8.01
C LEU A 192 -18.20 -5.19 8.69
N ALA A 193 -17.70 -4.11 8.10
CA ALA A 193 -16.59 -3.35 8.70
C ALA A 193 -17.04 -2.66 9.98
N LEU A 194 -18.21 -2.00 9.96
CA LEU A 194 -18.68 -1.34 11.20
C LEU A 194 -18.81 -2.36 12.33
N GLY A 195 -19.30 -3.54 11.97
CA GLY A 195 -19.45 -4.62 12.93
C GLY A 195 -18.10 -5.01 13.51
N PHE A 196 -17.09 -5.06 12.65
CA PHE A 196 -15.70 -5.40 13.01
C PHE A 196 -15.09 -4.35 13.95
N TYR A 197 -15.22 -3.07 13.61
CA TYR A 197 -14.65 -2.03 14.50
C TYR A 197 -15.32 -2.07 15.87
N HIS A 198 -16.63 -2.28 15.88
CA HIS A 198 -17.39 -2.34 17.14
C HIS A 198 -16.95 -3.54 17.97
N LYS A 199 -16.73 -4.69 17.31
CA LYS A 199 -16.32 -5.84 18.06
C LYS A 199 -14.89 -5.66 18.60
N LEU A 200 -14.04 -5.02 17.83
CA LEU A 200 -12.66 -4.75 18.24
C LEU A 200 -12.66 -3.88 19.50
N SER A 201 -13.52 -2.88 19.55
CA SER A 201 -13.60 -2.01 20.72
C SER A 201 -14.02 -2.82 21.96
N ALA A 202 -14.99 -3.72 21.81
CA ALA A 202 -15.45 -4.54 22.93
C ALA A 202 -14.33 -5.46 23.44
N LEU A 203 -13.58 -6.06 22.52
CA LEU A 203 -12.48 -6.93 22.90
C LEU A 203 -11.43 -6.12 23.64
N CYS A 204 -11.22 -4.88 23.19
CA CYS A 204 -10.25 -3.99 23.83
C CYS A 204 -10.72 -3.69 25.25
N SER A 205 -12.00 -3.33 25.35
CA SER A 205 -12.61 -3.00 26.66
C SER A 205 -12.49 -4.16 27.65
N GLU A 206 -12.75 -5.39 27.16
CA GLU A 206 -12.71 -6.61 27.98
C GLU A 206 -11.32 -7.13 28.26
N GLY A 207 -10.32 -6.57 27.59
CA GLY A 207 -8.98 -7.08 27.80
C GLY A 207 -8.87 -8.45 27.18
N ALA A 208 -9.71 -8.74 26.18
CA ALA A 208 -9.73 -10.05 25.56
C ALA A 208 -8.67 -10.20 24.47
N HIS A 209 -7.42 -9.98 24.87
CA HIS A 209 -6.29 -10.00 23.96
C HIS A 209 -6.13 -11.26 23.12
N ASP A 210 -6.41 -12.41 23.71
CA ASP A 210 -6.21 -13.67 22.99
C ASP A 210 -7.29 -13.95 21.97
N GLN A 211 -8.33 -13.12 21.92
CA GLN A 211 -9.42 -13.30 20.98
C GLN A 211 -9.23 -12.43 19.74
N VAL A 212 -8.25 -11.54 19.79
CA VAL A 212 -8.00 -10.65 18.65
C VAL A 212 -7.65 -11.46 17.39
N TYR A 213 -6.73 -12.40 17.53
CA TYR A 213 -6.31 -13.21 16.37
C TYR A 213 -7.49 -13.80 15.60
N GLU A 214 -8.34 -14.55 16.27
CA GLU A 214 -9.46 -15.16 15.58
C GLU A 214 -10.47 -14.16 15.02
N THR A 215 -10.72 -13.05 15.73
CA THR A 215 -11.65 -12.04 15.24
C THR A 215 -11.14 -11.37 13.96
N VAL A 216 -9.86 -11.05 13.91
CA VAL A 216 -9.28 -10.41 12.74
C VAL A 216 -9.20 -11.38 11.55
N ARG A 217 -8.80 -12.61 11.81
CA ARG A 217 -8.72 -13.62 10.76
C ARG A 217 -10.13 -13.81 10.14
N ARG A 218 -11.18 -13.90 10.96
CA ARG A 218 -12.53 -14.07 10.46
C ARG A 218 -12.96 -12.86 9.62
N TYR A 219 -12.61 -11.64 10.08
CA TYR A 219 -12.95 -10.46 9.28
C TYR A 219 -12.19 -10.52 7.94
N GLY A 220 -10.91 -10.91 7.98
CA GLY A 220 -10.14 -10.99 6.76
C GLY A 220 -10.76 -11.94 5.76
N HIS A 221 -11.15 -13.10 6.25
CA HIS A 221 -11.75 -14.10 5.43
C HIS A 221 -13.12 -13.70 4.86
N GLU A 222 -13.99 -13.15 5.71
CA GLU A 222 -15.34 -12.72 5.31
C GLU A 222 -15.34 -11.48 4.41
N SER A 223 -14.48 -10.50 4.71
CA SER A 223 -14.42 -9.34 3.82
C SER A 223 -13.77 -9.82 2.52
N GLY A 224 -12.84 -10.76 2.64
CA GLY A 224 -12.16 -11.32 1.47
C GLY A 224 -13.19 -11.99 0.56
N GLU A 225 -14.15 -12.73 1.15
CA GLU A 225 -15.18 -13.41 0.36
C GLU A 225 -16.04 -12.40 -0.38
N ILE A 226 -16.42 -11.32 0.28
CA ILE A 226 -17.22 -10.28 -0.34
C ILE A 226 -16.44 -9.66 -1.54
N TRP A 227 -15.16 -9.38 -1.35
CA TRP A 227 -14.34 -8.80 -2.42
C TRP A 227 -14.19 -9.76 -3.60
N HIS A 228 -13.78 -10.99 -3.33
CA HIS A 228 -13.58 -11.96 -4.39
C HIS A 228 -14.82 -12.05 -5.25
N ARG A 229 -16.00 -11.90 -4.62
CA ARG A 229 -17.27 -11.98 -5.32
C ARG A 229 -17.50 -10.73 -6.17
N MET A 230 -16.88 -9.62 -5.78
CA MET A 230 -17.02 -8.40 -6.55
C MET A 230 -16.03 -8.41 -7.70
N GLN A 231 -14.92 -9.12 -7.51
CA GLN A 231 -13.88 -9.21 -8.53
C GLN A 231 -14.26 -10.22 -9.61
#